data_8EW8
#
_entry.id   8EW8
#
_cell.length_a   127.390
_cell.length_b   127.390
_cell.length_c   54.270
_cell.angle_alpha   90.000
_cell.angle_beta   90.000
_cell.angle_gamma   120.000
#
_symmetry.space_group_name_H-M   'P 32 2 1'
#
loop_
_entity.id
_entity.type
_entity.pdbx_description
1 polymer 'Altered inheritance of mitochondria protein 18, mitochondrial'
2 non-polymer 'SULFATE ION'
3 water water
#
_entity_poly.entity_id   1
_entity_poly.type   'polypeptide(L)'
_entity_poly.pdbx_seq_one_letter_code
;RPVQNDDKTDAFPSHTESIQVDSSVSDFPLTITALNFPVSTTFKLLGYGQAHVTFLRFKVYALGLYLAENDENLVSDTLN
ETYLHKYFLDVDDSKTPKENLARLLKRDDSKSV(MSE)(MSE)IDDLLDSG(MSE)R(MSE)LAKITPVRNTDFKHLKEG
LVKTISKHPDVANNKDTLAKGLSELNDAFSRKGSVRKNDDLIIELLANGALQFSYHDSKNNEFEV(MSE)GVVNNQLVGK
FLFSQYLCGEKSPSPQAKKTAIDKLITLL
;
_entity_poly.pdbx_strand_id   A
#
# COMPACT_ATOMS: atom_id res chain seq x y z
N ALA A 11 -28.64 -2.79 20.41
CA ALA A 11 -28.55 -3.79 21.47
C ALA A 11 -27.81 -5.02 20.98
N PHE A 12 -28.01 -5.38 19.71
CA PHE A 12 -27.44 -6.58 19.10
C PHE A 12 -26.78 -6.21 17.78
N PRO A 13 -25.54 -5.74 17.83
CA PRO A 13 -24.77 -5.52 16.59
C PRO A 13 -24.60 -6.80 15.79
N SER A 14 -24.81 -6.70 14.47
CA SER A 14 -24.92 -7.89 13.63
C SER A 14 -24.10 -7.82 12.34
N HIS A 15 -23.14 -6.90 12.24
CA HIS A 15 -22.38 -6.73 11.02
C HIS A 15 -20.89 -6.76 11.31
N THR A 16 -20.13 -7.45 10.46
CA THR A 16 -18.69 -7.62 10.64
C THR A 16 -17.97 -6.43 10.02
N GLU A 17 -17.18 -5.72 10.84
CA GLU A 17 -16.49 -4.50 10.45
C GLU A 17 -14.96 -4.66 10.39
N SER A 18 -14.45 -5.86 10.64
CA SER A 18 -13.01 -6.09 10.67
C SER A 18 -12.76 -7.51 10.20
N ILE A 19 -11.53 -7.77 9.78
CA ILE A 19 -11.18 -9.13 9.37
C ILE A 19 -9.85 -9.53 10.01
N GLN A 20 -9.69 -10.82 10.26
CA GLN A 20 -8.52 -11.35 10.95
C GLN A 20 -7.47 -11.69 9.92
N VAL A 21 -6.66 -10.69 9.54
CA VAL A 21 -5.60 -10.89 8.57
C VAL A 21 -4.55 -11.85 9.12
N ASP A 22 -4.29 -11.77 10.42
CA ASP A 22 -3.37 -12.66 11.09
C ASP A 22 -3.83 -12.79 12.53
N SER A 23 -4.01 -14.02 12.99
CA SER A 23 -4.59 -14.24 14.30
C SER A 23 -3.69 -13.81 15.46
N SER A 24 -2.42 -13.50 15.23
CA SER A 24 -1.54 -13.10 16.34
C SER A 24 -1.63 -11.62 16.66
N VAL A 25 -2.28 -10.82 15.82
CA VAL A 25 -2.47 -9.40 16.05
C VAL A 25 -3.95 -9.05 15.87
N SER A 26 -4.29 -7.81 16.19
CA SER A 26 -5.70 -7.39 16.18
C SER A 26 -6.24 -7.35 14.75
N ASP A 27 -7.56 -7.44 14.64
CA ASP A 27 -8.22 -7.41 13.34
C ASP A 27 -8.01 -6.06 12.66
N PHE A 28 -8.02 -6.09 11.34
CA PHE A 28 -7.91 -4.87 10.54
C PHE A 28 -9.30 -4.32 10.25
N PRO A 29 -9.54 -3.04 10.50
CA PRO A 29 -10.88 -2.48 10.20
C PRO A 29 -11.10 -2.34 8.70
N LEU A 30 -12.36 -2.56 8.27
CA LEU A 30 -12.72 -2.31 6.88
C LEU A 30 -12.68 -0.83 6.56
N THR A 31 -12.92 0.02 7.54
CA THR A 31 -12.99 1.45 7.31
C THR A 31 -12.13 2.16 8.34
N ILE A 32 -11.32 3.10 7.86
CA ILE A 32 -10.51 3.98 8.69
C ILE A 32 -10.94 5.40 8.37
N THR A 33 -11.40 6.12 9.38
CA THR A 33 -11.80 7.51 9.23
C THR A 33 -10.90 8.41 10.06
N ALA A 34 -11.04 9.72 9.84
CA ALA A 34 -10.23 10.69 10.57
C ALA A 34 -10.50 10.65 12.07
N LEU A 35 -11.61 10.04 12.48
CA LEU A 35 -11.90 9.88 13.91
C LEU A 35 -11.20 8.67 14.52
N ASN A 36 -10.77 7.71 13.72
CA ASN A 36 -10.12 6.53 14.25
C ASN A 36 -8.61 6.67 14.26
N PHE A 37 -8.07 7.28 13.22
CA PHE A 37 -6.63 7.46 13.04
C PHE A 37 -6.40 8.89 12.56
N PRO A 38 -5.18 9.39 12.71
CA PRO A 38 -4.88 10.75 12.22
C PRO A 38 -4.66 10.77 10.70
N VAL A 39 -5.76 10.56 9.96
CA VAL A 39 -5.75 10.52 8.51
C VAL A 39 -6.67 11.61 7.98
N SER A 40 -6.54 11.90 6.68
CA SER A 40 -7.16 13.08 6.08
C SER A 40 -8.53 12.82 5.45
N THR A 41 -8.94 11.58 5.29
CA THR A 41 -10.22 11.27 4.68
C THR A 41 -10.58 9.83 5.04
N THR A 42 -11.69 9.35 4.48
CA THR A 42 -12.18 8.02 4.78
C THR A 42 -11.55 6.99 3.85
N PHE A 43 -10.98 5.95 4.44
CA PHE A 43 -10.31 4.90 3.69
C PHE A 43 -11.01 3.57 3.89
N LYS A 44 -11.02 2.76 2.83
CA LYS A 44 -11.66 1.46 2.82
C LYS A 44 -10.63 0.40 2.47
N LEU A 45 -10.70 -0.75 3.14
CA LEU A 45 -9.71 -1.79 2.95
C LEU A 45 -9.76 -2.31 1.52
N LEU A 46 -8.59 -2.41 0.89
CA LEU A 46 -8.49 -2.81 -0.50
C LEU A 46 -7.86 -4.18 -0.66
N GLY A 47 -6.74 -4.42 0.03
CA GLY A 47 -6.08 -5.71 0.05
C GLY A 47 -5.44 -5.88 1.42
N TYR A 48 -5.03 -7.11 1.71
CA TYR A 48 -4.56 -7.47 3.04
C TYR A 48 -3.78 -8.76 2.95
N GLY A 49 -2.86 -8.95 3.89
CA GLY A 49 -2.05 -10.16 3.88
C GLY A 49 -0.91 -10.04 4.85
N GLN A 50 -0.21 -11.17 5.00
CA GLN A 50 0.96 -11.27 5.85
C GLN A 50 2.20 -11.01 5.02
N ALA A 51 3.23 -10.47 5.66
CA ALA A 51 4.51 -10.20 5.02
C ALA A 51 5.59 -11.05 5.67
N HIS A 52 6.38 -11.73 4.82
CA HIS A 52 7.49 -12.57 5.23
C HIS A 52 8.77 -12.07 4.55
N VAL A 53 9.93 -12.44 5.12
CA VAL A 53 11.21 -12.03 4.55
C VAL A 53 12.17 -13.23 4.52
N THR A 54 13.03 -13.24 3.50
CA THR A 54 14.09 -14.23 3.29
C THR A 54 13.57 -15.61 2.93
N PHE A 55 14.48 -16.50 2.52
CA PHE A 55 14.07 -17.86 2.18
C PHE A 55 13.53 -18.62 3.38
N LEU A 56 13.87 -18.21 4.61
CA LEU A 56 13.30 -18.85 5.79
C LEU A 56 11.83 -18.51 5.99
N ARG A 57 11.27 -17.58 5.20
CA ARG A 57 9.87 -17.21 5.30
C ARG A 57 9.55 -16.73 6.73
N PHE A 58 10.30 -15.72 7.16
CA PHE A 58 10.19 -15.18 8.51
C PHE A 58 9.11 -14.10 8.52
N LYS A 59 8.04 -14.35 9.26
CA LYS A 59 6.91 -13.44 9.26
C LYS A 59 7.24 -12.21 10.10
N VAL A 60 6.99 -11.02 9.54
CA VAL A 60 7.39 -9.78 10.18
C VAL A 60 6.19 -8.89 10.51
N TYR A 61 5.17 -8.87 9.65
CA TYR A 61 4.02 -8.04 9.96
C TYR A 61 2.82 -8.41 9.13
N ALA A 62 1.65 -7.99 9.60
CA ALA A 62 0.41 -8.05 8.85
C ALA A 62 0.21 -6.70 8.19
N LEU A 63 -0.29 -6.73 6.96
CA LEU A 63 -0.38 -5.55 6.11
C LEU A 63 -1.83 -5.33 5.71
N GLY A 64 -2.29 -4.10 5.86
CA GLY A 64 -3.53 -3.66 5.27
C GLY A 64 -3.30 -2.51 4.31
N LEU A 65 -3.76 -2.67 3.07
CA LEU A 65 -3.73 -1.62 2.08
C LEU A 65 -5.14 -1.05 1.91
N TYR A 66 -5.26 0.27 2.02
CA TYR A 66 -6.53 0.96 1.95
C TYR A 66 -6.53 1.99 0.81
N LEU A 67 -7.72 2.21 0.27
CA LEU A 67 -7.96 3.20 -0.76
C LEU A 67 -8.98 4.21 -0.27
N ALA A 68 -8.71 5.49 -0.51
CA ALA A 68 -9.68 6.53 -0.17
C ALA A 68 -11.02 6.26 -0.86
N GLU A 69 -12.10 6.32 -0.08
CA GLU A 69 -13.43 6.09 -0.63
C GLU A 69 -13.71 7.03 -1.78
N ASN A 70 -13.32 8.31 -1.65
CA ASN A 70 -13.65 9.29 -2.66
C ASN A 70 -12.79 9.17 -3.92
N ASP A 71 -11.78 8.33 -3.92
CA ASP A 71 -10.91 8.15 -5.09
C ASP A 71 -11.25 6.90 -5.89
N GLU A 72 -12.26 6.13 -5.50
CA GLU A 72 -12.58 4.92 -6.24
C GLU A 72 -12.89 5.22 -7.70
N ASN A 73 -13.43 6.40 -8.01
CA ASN A 73 -13.70 6.77 -9.39
C ASN A 73 -12.43 6.90 -10.23
N LEU A 74 -11.28 7.15 -9.59
CA LEU A 74 -10.05 7.35 -10.33
C LEU A 74 -9.58 6.10 -11.05
N VAL A 75 -10.00 4.92 -10.61
CA VAL A 75 -9.57 3.71 -11.28
C VAL A 75 -10.12 3.67 -12.70
N SER A 76 -11.43 3.86 -12.85
CA SER A 76 -12.05 3.83 -14.17
C SER A 76 -11.77 5.11 -14.95
N ASP A 77 -11.56 6.24 -14.28
CA ASP A 77 -11.15 7.45 -14.98
C ASP A 77 -9.78 7.28 -15.60
N THR A 78 -8.92 6.45 -15.02
CA THR A 78 -7.56 6.25 -15.52
C THR A 78 -7.43 5.05 -16.44
N LEU A 79 -7.96 3.90 -16.03
CA LEU A 79 -7.82 2.66 -16.78
C LEU A 79 -9.13 2.40 -17.50
N ASN A 80 -9.21 2.79 -18.76
CA ASN A 80 -10.45 2.73 -19.53
C ASN A 80 -10.11 2.31 -20.95
N GLU A 81 -11.10 2.34 -21.84
CA GLU A 81 -10.86 1.90 -23.21
C GLU A 81 -9.87 2.80 -23.93
N THR A 82 -9.80 4.09 -23.56
CA THR A 82 -8.81 4.97 -24.15
C THR A 82 -7.40 4.56 -23.73
N TYR A 83 -7.17 4.41 -22.43
CA TYR A 83 -5.89 3.88 -21.93
C TYR A 83 -5.52 2.60 -22.68
N LEU A 84 -6.48 1.69 -22.82
CA LEU A 84 -6.20 0.37 -23.36
C LEU A 84 -5.60 0.46 -24.75
N HIS A 85 -6.23 1.20 -25.66
CA HIS A 85 -5.71 1.29 -27.02
C HIS A 85 -4.53 2.26 -27.14
N LYS A 86 -4.42 3.23 -26.23
CA LYS A 86 -3.30 4.16 -26.28
C LYS A 86 -1.98 3.45 -25.95
N TYR A 87 -2.01 2.49 -25.02
CA TYR A 87 -0.79 1.90 -24.48
C TYR A 87 -0.63 0.40 -24.74
N PHE A 88 -1.58 -0.25 -25.40
CA PHE A 88 -1.47 -1.65 -25.76
C PHE A 88 -1.85 -1.82 -27.22
N LEU A 89 -1.20 -2.77 -27.89
CA LEU A 89 -1.42 -3.00 -29.32
C LEU A 89 -1.80 -4.46 -29.58
N ASP A 90 -2.43 -5.10 -28.60
CA ASP A 90 -2.77 -6.51 -28.68
C ASP A 90 -4.15 -6.76 -28.09
N VAL A 91 -5.09 -5.85 -28.33
CA VAL A 91 -6.38 -5.91 -27.67
C VAL A 91 -7.22 -6.99 -28.34
N ASP A 92 -7.81 -7.87 -27.52
CA ASP A 92 -8.75 -8.87 -27.99
C ASP A 92 -10.11 -8.19 -28.17
N ASP A 93 -10.54 -8.02 -29.41
CA ASP A 93 -11.78 -7.28 -29.66
C ASP A 93 -13.02 -8.08 -29.28
N SER A 94 -12.90 -9.39 -29.11
CA SER A 94 -14.04 -10.19 -28.67
C SER A 94 -14.39 -9.93 -27.21
N LYS A 95 -13.41 -9.52 -26.42
CA LYS A 95 -13.60 -9.20 -25.01
C LYS A 95 -13.89 -7.71 -24.84
N THR A 96 -14.58 -7.37 -23.75
CA THR A 96 -14.86 -5.97 -23.45
C THR A 96 -13.58 -5.26 -23.00
N PRO A 97 -13.59 -3.93 -23.00
CA PRO A 97 -12.41 -3.21 -22.49
C PRO A 97 -12.07 -3.55 -21.06
N LYS A 98 -13.06 -3.69 -20.18
CA LYS A 98 -12.77 -4.02 -18.79
C LYS A 98 -12.16 -5.41 -18.68
N GLU A 99 -12.63 -6.37 -19.48
CA GLU A 99 -12.06 -7.71 -19.44
C GLU A 99 -10.61 -7.71 -19.90
N ASN A 100 -10.27 -6.89 -20.91
CA ASN A 100 -8.88 -6.80 -21.35
C ASN A 100 -8.02 -6.12 -20.30
N LEU A 101 -8.53 -5.02 -19.71
CA LEU A 101 -7.76 -4.33 -18.69
C LEU A 101 -7.53 -5.23 -17.47
N ALA A 102 -8.54 -5.99 -17.07
CA ALA A 102 -8.36 -6.94 -15.98
C ALA A 102 -7.31 -7.98 -16.33
N ARG A 103 -7.41 -8.55 -17.53
CA ARG A 103 -6.45 -9.58 -17.95
C ARG A 103 -5.02 -9.04 -17.87
N LEU A 104 -4.81 -7.83 -18.39
CA LEU A 104 -3.47 -7.25 -18.46
C LEU A 104 -2.95 -6.89 -17.07
N LEU A 105 -3.81 -6.47 -16.17
CA LEU A 105 -3.39 -6.22 -14.80
C LEU A 105 -2.97 -7.50 -14.09
N LYS A 106 -3.70 -8.60 -14.32
CA LYS A 106 -3.33 -9.87 -13.71
C LYS A 106 -2.12 -10.54 -14.36
N ARG A 107 -1.73 -10.11 -15.56
CA ARG A 107 -0.54 -10.70 -16.18
C ARG A 107 0.68 -10.55 -15.27
N ASP A 108 0.71 -9.52 -14.43
CA ASP A 108 1.79 -9.30 -13.46
C ASP A 108 3.14 -9.15 -14.17
N ASP A 109 3.19 -8.27 -15.15
CA ASP A 109 4.42 -8.00 -15.87
C ASP A 109 4.69 -6.50 -15.88
N SER A 110 5.72 -6.08 -16.63
CA SER A 110 6.11 -4.67 -16.61
C SER A 110 4.95 -3.76 -17.03
N LYS A 111 4.05 -4.24 -17.88
CA LYS A 111 2.89 -3.43 -18.27
C LYS A 111 1.87 -3.32 -17.13
N SER A 112 1.76 -4.36 -16.30
CA SER A 112 0.95 -4.24 -15.10
C SER A 112 1.49 -3.15 -14.17
N VAL A 113 2.82 -3.08 -14.01
CA VAL A 113 3.41 -2.04 -13.16
C VAL A 113 3.09 -0.65 -13.71
N ILE A 116 -0.42 0.35 -12.71
CA ILE A 116 -0.49 0.75 -11.30
C ILE A 116 0.21 2.09 -11.10
N ASP A 117 1.35 2.30 -11.77
CA ASP A 117 2.06 3.56 -11.64
C ASP A 117 1.21 4.72 -12.18
N ASP A 118 0.51 4.49 -13.28
CA ASP A 118 -0.39 5.53 -13.80
C ASP A 118 -1.53 5.81 -12.82
N LEU A 119 -2.07 4.76 -12.19
CA LEU A 119 -3.11 4.99 -11.20
C LEU A 119 -2.59 5.87 -10.07
N LEU A 120 -1.37 5.58 -9.61
CA LEU A 120 -0.77 6.34 -8.52
C LEU A 120 -0.54 7.79 -8.93
N ASP A 121 -0.27 8.05 -10.21
CA ASP A 121 -0.09 9.42 -10.67
C ASP A 121 -1.40 10.19 -10.81
N SER A 122 -2.55 9.51 -10.68
CA SER A 122 -3.84 10.14 -10.86
C SER A 122 -4.33 10.84 -9.59
N GLY A 123 -3.56 10.81 -8.52
CA GLY A 123 -3.96 11.44 -7.27
C GLY A 123 -4.61 10.49 -6.28
N ARG A 125 -5.40 8.38 -3.28
CA ARG A 125 -4.98 8.43 -1.90
C ARG A 125 -5.08 7.06 -1.23
N LEU A 127 -3.70 4.26 2.22
N LEU A 127 -3.65 4.23 2.19
CA LEU A 127 -3.08 3.97 3.50
CA LEU A 127 -3.10 3.96 3.51
C LEU A 127 -2.43 2.60 3.42
C LEU A 127 -2.47 2.58 3.49
N ALA A 128 -1.31 2.44 4.12
CA ALA A 128 -0.74 1.15 4.46
C ALA A 128 -0.74 1.11 5.99
N LYS A 129 -1.40 0.11 6.55
CA LYS A 129 -1.37 -0.17 7.97
C LYS A 129 -0.46 -1.38 8.18
N ILE A 130 0.65 -1.17 8.86
CA ILE A 130 1.66 -2.19 9.09
C ILE A 130 1.63 -2.52 10.57
N THR A 131 1.33 -3.78 10.88
CA THR A 131 1.19 -4.23 12.27
C THR A 131 2.15 -5.37 12.56
N PRO A 132 3.25 -5.11 13.28
CA PRO A 132 4.23 -6.18 13.53
C PRO A 132 3.67 -7.33 14.35
N VAL A 133 4.05 -8.54 13.97
CA VAL A 133 3.65 -9.76 14.68
C VAL A 133 4.67 -10.18 15.73
N ARG A 134 5.67 -9.36 15.98
CA ARG A 134 6.67 -9.57 17.00
C ARG A 134 7.23 -8.20 17.35
N ASN A 135 7.85 -8.13 18.52
CA ASN A 135 8.49 -6.89 18.94
C ASN A 135 9.62 -6.55 17.97
N THR A 136 9.70 -5.28 17.60
CA THR A 136 10.69 -4.81 16.62
C THR A 136 11.05 -3.38 17.00
N ASP A 137 11.45 -2.57 16.03
CA ASP A 137 11.84 -1.20 16.31
C ASP A 137 11.70 -0.38 15.04
N PHE A 138 11.80 0.95 15.18
CA PHE A 138 11.52 1.82 14.03
C PHE A 138 12.58 1.64 12.95
N LYS A 139 13.82 1.36 13.36
CA LYS A 139 14.89 1.12 12.40
C LYS A 139 14.50 -0.01 11.44
N HIS A 140 13.97 -1.11 11.97
CA HIS A 140 13.64 -2.24 11.11
C HIS A 140 12.43 -1.95 10.23
N LEU A 141 11.41 -1.29 10.76
CA LEU A 141 10.30 -0.86 9.92
C LEU A 141 10.79 -0.01 8.77
N LYS A 142 11.61 1.01 9.08
CA LYS A 142 12.11 1.89 8.04
C LYS A 142 12.92 1.13 7.02
N GLU A 143 13.84 0.27 7.47
CA GLU A 143 14.68 -0.48 6.54
C GLU A 143 13.83 -1.36 5.63
N GLY A 144 12.74 -1.91 6.16
CA GLY A 144 11.88 -2.74 5.34
C GLY A 144 11.22 -1.96 4.21
N LEU A 145 10.82 -0.71 4.49
CA LEU A 145 10.28 0.16 3.44
C LEU A 145 11.34 0.46 2.40
N VAL A 146 12.58 0.72 2.84
CA VAL A 146 13.64 1.00 1.89
C VAL A 146 13.89 -0.18 0.98
N LYS A 147 13.94 -1.39 1.56
CA LYS A 147 14.13 -2.58 0.73
C LYS A 147 13.02 -2.71 -0.31
N THR A 148 11.78 -2.46 0.10
CA THR A 148 10.67 -2.55 -0.84
C THR A 148 10.82 -1.53 -1.96
N ILE A 149 11.13 -0.27 -1.59
CA ILE A 149 11.25 0.79 -2.59
C ILE A 149 12.32 0.44 -3.60
N SER A 150 13.42 -0.12 -3.11
CA SER A 150 14.59 -0.38 -3.95
C SER A 150 14.37 -1.47 -4.98
N LYS A 151 13.28 -2.22 -4.88
CA LYS A 151 12.94 -3.21 -5.90
C LYS A 151 12.17 -2.62 -7.08
N HIS A 152 11.78 -1.36 -7.02
CA HIS A 152 10.97 -0.83 -8.10
C HIS A 152 11.78 -0.77 -9.39
N PRO A 153 11.19 -1.16 -10.52
CA PRO A 153 11.98 -1.26 -11.76
C PRO A 153 12.63 0.03 -12.21
N ASP A 154 12.14 1.19 -11.76
CA ASP A 154 12.62 2.47 -12.27
C ASP A 154 13.62 3.14 -11.35
N VAL A 155 14.11 2.44 -10.33
CA VAL A 155 15.05 3.04 -9.38
C VAL A 155 16.28 3.58 -10.11
N ALA A 156 16.86 2.77 -11.00
CA ALA A 156 18.12 3.12 -11.65
C ALA A 156 17.98 4.37 -12.51
N ASN A 157 16.77 4.66 -13.02
CA ASN A 157 16.55 5.86 -13.82
C ASN A 157 16.17 7.09 -13.00
N ASN A 158 16.14 6.97 -11.68
CA ASN A 158 15.84 8.10 -10.81
C ASN A 158 16.75 8.09 -9.58
N LYS A 159 17.99 7.65 -9.73
CA LYS A 159 18.84 7.33 -8.58
C LYS A 159 19.03 8.53 -7.66
N ASP A 160 19.47 9.67 -8.20
CA ASP A 160 19.78 10.81 -7.35
C ASP A 160 18.54 11.37 -6.68
N THR A 161 17.48 11.60 -7.46
CA THR A 161 16.23 12.09 -6.85
C THR A 161 15.71 11.13 -5.80
N LEU A 162 15.81 9.83 -6.05
CA LEU A 162 15.31 8.88 -5.06
C LEU A 162 16.15 8.94 -3.79
N ALA A 163 17.47 9.06 -3.93
CA ALA A 163 18.34 9.15 -2.76
C ALA A 163 17.97 10.32 -1.86
N LYS A 164 17.66 11.48 -2.46
CA LYS A 164 17.20 12.61 -1.65
C LYS A 164 15.92 12.23 -0.90
N GLY A 165 15.02 11.51 -1.57
CA GLY A 165 13.78 11.10 -0.93
C GLY A 165 14.02 10.11 0.20
N LEU A 166 14.97 9.18 0.03
CA LEU A 166 15.26 8.25 1.10
C LEU A 166 15.83 8.96 2.31
N SER A 167 16.57 10.06 2.12
CA SER A 167 17.03 10.83 3.28
C SER A 167 15.87 11.47 4.02
N GLU A 168 14.90 12.02 3.28
CA GLU A 168 13.67 12.50 3.92
C GLU A 168 13.02 11.40 4.73
N LEU A 169 13.04 10.17 4.21
CA LEU A 169 12.42 9.05 4.92
C LEU A 169 13.07 8.83 6.28
N ASN A 170 14.41 9.00 6.37
CA ASN A 170 15.08 8.89 7.67
C ASN A 170 14.57 9.94 8.64
N ASP A 171 14.45 11.17 8.18
CA ASP A 171 13.95 12.22 9.07
C ASP A 171 12.48 12.05 9.39
N ALA A 172 11.71 11.42 8.51
CA ALA A 172 10.29 11.23 8.79
C ALA A 172 10.07 10.32 9.97
N PHE A 173 10.99 9.40 10.22
CA PHE A 173 10.93 8.51 11.38
C PHE A 173 11.51 9.29 12.56
N SER A 174 10.67 10.17 13.11
CA SER A 174 11.08 11.04 14.20
C SER A 174 11.26 10.26 15.50
N ARG A 175 10.37 9.31 15.75
CA ARG A 175 10.49 8.48 16.95
C ARG A 175 11.55 7.41 16.74
N LYS A 176 12.31 7.15 17.79
CA LYS A 176 13.32 6.10 17.81
C LYS A 176 13.00 5.12 18.94
N GLY A 177 13.29 3.85 18.72
CA GLY A 177 13.17 2.87 19.77
C GLY A 177 12.27 1.70 19.47
N SER A 178 11.77 1.08 20.54
CA SER A 178 11.06 -0.18 20.41
C SER A 178 9.65 0.05 19.86
N VAL A 179 9.18 -0.96 19.14
CA VAL A 179 7.81 -1.07 18.64
C VAL A 179 7.29 -2.42 19.10
N ARG A 180 6.17 -2.42 19.82
CA ARG A 180 5.63 -3.66 20.32
C ARG A 180 4.86 -4.42 19.24
N LYS A 181 4.88 -5.73 19.35
CA LYS A 181 3.92 -6.56 18.63
C LYS A 181 2.53 -6.00 18.80
N ASN A 182 1.81 -5.90 17.69
CA ASN A 182 0.45 -5.39 17.58
C ASN A 182 0.37 -3.87 17.61
N ASP A 183 1.49 -3.14 17.72
CA ASP A 183 1.48 -1.71 17.41
C ASP A 183 1.20 -1.53 15.91
N ASP A 184 0.87 -0.30 15.50
CA ASP A 184 0.61 0.01 14.10
C ASP A 184 1.48 1.17 13.62
N LEU A 185 2.15 0.98 12.50
CA LEU A 185 2.67 2.07 11.69
C LEU A 185 1.69 2.37 10.54
N ILE A 186 1.27 3.63 10.45
CA ILE A 186 0.32 4.08 9.44
C ILE A 186 1.05 4.95 8.44
N ILE A 187 1.02 4.56 7.18
CA ILE A 187 1.60 5.32 6.08
C ILE A 187 0.47 5.82 5.19
N GLU A 188 0.31 7.13 5.09
CA GLU A 188 -0.73 7.71 4.24
C GLU A 188 -0.10 8.34 3.00
N LEU A 189 -0.59 7.95 1.83
CA LEU A 189 -0.19 8.52 0.56
C LEU A 189 -1.17 9.63 0.21
N LEU A 190 -0.68 10.85 0.08
CA LEU A 190 -1.49 12.01 -0.25
C LEU A 190 -1.71 12.10 -1.76
N ALA A 191 -2.68 12.94 -2.15
CA ALA A 191 -3.00 13.05 -3.57
C ALA A 191 -1.81 13.51 -4.40
N ASN A 192 -0.95 14.35 -3.82
CA ASN A 192 0.24 14.86 -4.50
C ASN A 192 1.40 13.87 -4.49
N GLY A 193 1.21 12.65 -3.94
CA GLY A 193 2.27 11.66 -3.88
C GLY A 193 3.13 11.68 -2.62
N ALA A 194 3.00 12.70 -1.78
CA ALA A 194 3.75 12.75 -0.53
C ALA A 194 3.26 11.68 0.44
N LEU A 195 4.11 11.36 1.41
CA LEU A 195 3.79 10.42 2.48
C LEU A 195 3.68 11.12 3.84
N GLN A 196 2.69 10.71 4.63
CA GLN A 196 2.55 11.11 6.03
C GLN A 196 2.62 9.87 6.90
N PHE A 197 3.53 9.87 7.87
CA PHE A 197 3.71 8.74 8.77
C PHE A 197 3.10 9.02 10.14
N SER A 198 2.64 7.95 10.78
CA SER A 198 1.95 7.99 12.07
C SER A 198 2.20 6.67 12.78
N TYR A 199 2.12 6.69 14.11
CA TYR A 199 2.38 5.49 14.90
C TYR A 199 1.27 5.34 15.93
N HIS A 200 0.80 4.10 16.11
CA HIS A 200 -0.20 3.79 17.11
C HIS A 200 0.40 2.85 18.15
N ASP A 201 0.52 3.34 19.38
CA ASP A 201 0.94 2.54 20.53
C ASP A 201 -0.29 1.80 21.02
N SER A 202 -0.40 0.51 20.69
CA SER A 202 -1.63 -0.21 20.99
C SER A 202 -1.75 -0.58 22.46
N LYS A 203 -0.64 -0.75 23.18
CA LYS A 203 -0.74 -1.02 24.60
C LYS A 203 -1.45 0.13 25.33
N ASN A 204 -0.96 1.35 25.13
CA ASN A 204 -1.50 2.53 25.81
C ASN A 204 -2.53 3.26 24.97
N ASN A 205 -2.87 2.75 23.79
CA ASN A 205 -3.79 3.39 22.85
C ASN A 205 -3.49 4.88 22.72
N GLU A 206 -2.30 5.17 22.22
CA GLU A 206 -1.82 6.52 21.99
C GLU A 206 -1.30 6.61 20.55
N PHE A 207 -1.59 7.73 19.90
CA PHE A 207 -1.15 7.99 18.54
C PHE A 207 -0.07 9.06 18.54
N GLU A 208 0.95 8.88 17.70
CA GLU A 208 1.98 9.89 17.51
C GLU A 208 2.11 10.19 16.03
N VAL A 209 1.76 11.42 15.64
CA VAL A 209 2.01 11.85 14.28
C VAL A 209 3.50 12.06 14.10
N GLY A 211 6.74 12.28 10.77
CA GLY A 211 7.14 13.19 9.72
C GLY A 211 6.49 12.88 8.38
N VAL A 212 6.89 13.68 7.40
CA VAL A 212 6.37 13.60 6.05
C VAL A 212 7.53 13.44 5.08
N VAL A 213 7.25 12.82 3.95
CA VAL A 213 8.17 12.75 2.83
C VAL A 213 7.48 13.44 1.67
N ASN A 214 8.04 14.56 1.21
CA ASN A 214 7.43 15.30 0.11
C ASN A 214 7.91 14.85 -1.26
N ASN A 215 9.08 14.20 -1.34
CA ASN A 215 9.55 13.62 -2.60
C ASN A 215 8.58 12.53 -3.06
N GLN A 216 8.01 12.72 -4.26
CA GLN A 216 6.93 11.87 -4.76
C GLN A 216 7.37 10.45 -5.08
N LEU A 217 8.62 10.27 -5.50
CA LEU A 217 9.06 8.94 -5.90
C LEU A 217 8.96 7.96 -4.75
N VAL A 218 9.16 8.42 -3.52
CA VAL A 218 9.21 7.51 -2.39
C VAL A 218 7.90 6.79 -2.22
N GLY A 219 6.81 7.55 -2.05
CA GLY A 219 5.51 6.95 -1.91
C GLY A 219 5.02 6.25 -3.15
N LYS A 220 5.38 6.76 -4.32
CA LYS A 220 4.99 6.10 -5.56
C LYS A 220 5.65 4.73 -5.67
N PHE A 221 6.97 4.67 -5.44
CA PHE A 221 7.66 3.39 -5.56
C PHE A 221 7.19 2.42 -4.47
N LEU A 222 6.97 2.93 -3.26
CA LEU A 222 6.56 2.06 -2.16
C LEU A 222 5.19 1.41 -2.44
N PHE A 223 4.20 2.22 -2.78
CA PHE A 223 2.87 1.65 -2.96
C PHE A 223 2.74 0.86 -4.26
N SER A 224 3.46 1.25 -5.32
CA SER A 224 3.54 0.40 -6.50
C SER A 224 4.06 -1.00 -6.15
N GLN A 225 5.11 -1.09 -5.33
CA GLN A 225 5.63 -2.41 -4.97
C GLN A 225 4.66 -3.18 -4.09
N TYR A 226 3.91 -2.51 -3.23
CA TYR A 226 2.89 -3.20 -2.45
C TYR A 226 1.82 -3.80 -3.37
N LEU A 227 1.47 -3.08 -4.43
CA LEU A 227 0.31 -3.46 -5.21
C LEU A 227 0.64 -4.40 -6.36
N CYS A 228 1.87 -4.32 -6.88
N CYS A 228 1.86 -4.32 -6.90
CA CYS A 228 2.19 -5.11 -8.07
CA CYS A 228 2.18 -5.18 -8.04
C CYS A 228 3.65 -5.51 -8.15
C CYS A 228 3.66 -5.49 -8.16
N GLY A 229 4.43 -5.39 -7.08
CA GLY A 229 5.81 -5.82 -7.14
C GLY A 229 5.95 -7.25 -7.61
N GLU A 230 6.94 -7.49 -8.47
CA GLU A 230 7.32 -8.84 -8.82
C GLU A 230 7.58 -9.70 -7.59
N LYS A 231 8.32 -9.15 -6.62
CA LYS A 231 8.56 -9.79 -5.34
C LYS A 231 8.00 -8.87 -4.27
N SER A 232 6.68 -8.82 -4.20
CA SER A 232 6.02 -7.87 -3.33
C SER A 232 6.19 -8.29 -1.86
N PRO A 233 6.11 -7.34 -0.93
CA PRO A 233 6.27 -7.70 0.48
C PRO A 233 5.22 -8.68 0.97
N SER A 234 3.98 -8.57 0.48
CA SER A 234 2.88 -9.49 0.83
C SER A 234 2.18 -9.94 -0.44
N PRO A 235 2.50 -11.12 -0.95
CA PRO A 235 1.80 -11.60 -2.15
C PRO A 235 0.29 -11.60 -2.00
N GLN A 236 -0.23 -11.93 -0.82
N GLN A 236 -0.23 -11.93 -0.82
CA GLN A 236 -1.66 -11.98 -0.64
CA GLN A 236 -1.68 -11.97 -0.67
C GLN A 236 -2.27 -10.57 -0.67
C GLN A 236 -2.27 -10.56 -0.69
N ALA A 237 -1.58 -9.59 -0.10
CA ALA A 237 -2.08 -8.21 -0.17
C ALA A 237 -2.10 -7.71 -1.60
N LYS A 238 -1.06 -8.05 -2.37
CA LYS A 238 -1.05 -7.76 -3.80
C LYS A 238 -2.23 -8.42 -4.51
N LYS A 239 -2.44 -9.71 -4.24
CA LYS A 239 -3.50 -10.45 -4.93
C LYS A 239 -4.89 -9.90 -4.59
N THR A 240 -5.15 -9.64 -3.33
CA THR A 240 -6.47 -9.14 -2.95
C THR A 240 -6.67 -7.69 -3.40
N ALA A 241 -5.63 -6.88 -3.35
CA ALA A 241 -5.78 -5.50 -3.79
C ALA A 241 -6.04 -5.41 -5.29
N ILE A 242 -5.30 -6.17 -6.09
CA ILE A 242 -5.52 -6.13 -7.54
C ILE A 242 -6.94 -6.58 -7.88
N ASP A 243 -7.39 -7.69 -7.27
CA ASP A 243 -8.75 -8.16 -7.51
C ASP A 243 -9.75 -7.07 -7.18
N LYS A 244 -9.54 -6.37 -6.07
CA LYS A 244 -10.47 -5.31 -5.68
C LYS A 244 -10.40 -4.13 -6.64
N LEU A 245 -9.19 -3.73 -7.03
CA LEU A 245 -9.09 -2.67 -8.04
C LEU A 245 -9.83 -3.05 -9.31
N ILE A 246 -9.78 -4.33 -9.69
CA ILE A 246 -10.47 -4.75 -10.91
C ILE A 246 -11.97 -4.54 -10.79
N THR A 247 -12.55 -4.69 -9.59
CA THR A 247 -14.00 -4.47 -9.49
C THR A 247 -14.38 -3.00 -9.65
N LEU A 248 -13.41 -2.10 -9.58
CA LEU A 248 -13.65 -0.67 -9.72
C LEU A 248 -13.46 -0.19 -11.15
N LEU A 249 -13.09 -1.07 -12.06
CA LEU A 249 -12.93 -0.72 -13.47
C LEU A 249 -14.28 -0.34 -14.08
#